data_5UJO
#
_entry.id   5UJO
#
_cell.length_a   44.961
_cell.length_b   107.351
_cell.length_c   47.956
_cell.angle_alpha   90.00
_cell.angle_beta   101.36
_cell.angle_gamma   90.00
#
_symmetry.space_group_name_H-M   'P 1 21 1'
#
loop_
_entity.id
_entity.type
_entity.pdbx_description
1 polymer Beta-lactamase
2 non-polymer 'POTASSIUM ION'
3 non-polymer 'ruthenocenyl-7-aminodesacetoxycephalosporanic acid, bound form'
4 non-polymer 'ruthenocenyl-7-aminodesacetoxycephalosporanic acid'
5 water water
#
_entity_poly.entity_id   1
_entity_poly.type   'polypeptide(L)'
_entity_poly.pdbx_seq_one_letter_code
;QTSAVQQKLAALEKSSGGRLGVALIDTADNTQVLYRGDERFPMCSTSKVMAAAAVLKQSETQKQLLNQPVEIKPADLVNY
NPIAEKHVNGTMTLAELSAAALQYSDNTAMNKLIAQLGGPGGVTAFARAIGDETFRLDRTAPTLNTAIPGDPRDTTTPRA
MAQTLRQLTLGHALGETQRAQLVTWLKGNTTGAASIRAGLPTSWTVGDKTGSGDYGTTNDIAVIWPQGRAPLVLVTYFTQ
PQQNAESRRDVLASAARIIAEGL
;
_entity_poly.pdbx_strand_id   A,B
#
# COMPACT_ATOMS: atom_id res chain seq x y z
N THR A 2 -0.75 -4.13 -2.56
CA THR A 2 0.38 -4.15 -1.59
C THR A 2 1.28 -2.92 -1.80
N SER A 3 1.42 -2.12 -0.76
CA SER A 3 2.18 -0.88 -0.85
C SER A 3 3.67 -1.13 -0.56
N ALA A 4 4.48 -0.11 -0.78
CA ALA A 4 5.91 -0.18 -0.42
C ALA A 4 6.08 -0.47 1.06
N VAL A 5 5.35 0.26 1.90
CA VAL A 5 5.44 0.09 3.34
C VAL A 5 5.05 -1.33 3.75
N GLN A 6 4.02 -1.86 3.10
CA GLN A 6 3.56 -3.21 3.39
C GLN A 6 4.63 -4.23 2.99
N GLN A 7 5.36 -3.94 1.92
N GLN A 7 5.31 -3.97 1.88
CA GLN A 7 6.40 -4.85 1.44
CA GLN A 7 6.39 -4.83 1.41
C GLN A 7 7.60 -4.85 2.39
C GLN A 7 7.52 -4.87 2.44
N LYS A 8 7.89 -3.70 2.97
N LYS A 8 7.83 -3.72 3.02
CA LYS A 8 8.95 -3.59 3.98
CA LYS A 8 8.93 -3.61 3.97
C LYS A 8 8.55 -4.32 5.26
C LYS A 8 8.56 -4.25 5.31
N LEU A 9 7.28 -4.18 5.65
CA LEU A 9 6.77 -4.86 6.84
C LEU A 9 6.75 -6.37 6.65
N ALA A 10 6.50 -6.81 5.42
CA ALA A 10 6.50 -8.23 5.11
C ALA A 10 7.92 -8.80 5.20
N ALA A 11 8.89 -8.02 4.74
CA ALA A 11 10.29 -8.44 4.82
C ALA A 11 10.73 -8.53 6.29
N LEU A 12 10.35 -7.54 7.08
CA LEU A 12 10.61 -7.56 8.50
C LEU A 12 10.00 -8.80 9.15
N GLU A 13 8.74 -9.07 8.83
CA GLU A 13 8.05 -10.22 9.40
C GLU A 13 8.78 -11.51 9.05
N LYS A 14 9.20 -11.62 7.79
CA LYS A 14 9.84 -12.84 7.31
C LYS A 14 11.12 -13.11 8.11
N SER A 15 11.91 -12.07 8.34
N SER A 15 11.82 -12.04 8.46
CA SER A 15 13.19 -12.23 9.04
CA SER A 15 13.09 -12.15 9.19
C SER A 15 12.96 -12.61 10.50
C SER A 15 12.86 -12.28 10.68
N SER A 16 11.79 -12.27 11.02
N SER A 16 11.60 -12.14 11.10
CA SER A 16 11.55 -12.35 12.46
CA SER A 16 11.27 -11.94 12.50
C SER A 16 11.08 -13.74 12.87
C SER A 16 11.08 -13.27 13.22
N GLY A 17 10.37 -14.41 11.97
N GLY A 17 10.67 -14.27 12.46
CA GLY A 17 9.91 -15.78 12.21
CA GLY A 17 10.29 -15.56 13.02
C GLY A 17 8.60 -15.82 12.96
C GLY A 17 8.94 -15.53 13.72
N GLY A 18 8.05 -14.66 13.27
CA GLY A 18 6.73 -14.56 13.88
C GLY A 18 5.69 -13.92 12.99
N ARG A 19 4.54 -13.59 13.60
CA ARG A 19 3.44 -12.97 12.89
C ARG A 19 3.23 -11.53 13.38
N LEU A 20 3.25 -10.59 12.44
CA LEU A 20 3.26 -9.17 12.77
C LEU A 20 1.96 -8.52 12.31
N GLY A 21 1.35 -7.73 13.18
CA GLY A 21 0.18 -6.94 12.82
C GLY A 21 0.37 -5.47 13.10
N VAL A 22 0.05 -4.64 12.11
CA VAL A 22 0.26 -3.20 12.22
C VAL A 22 -0.97 -2.46 11.74
N ALA A 23 -1.37 -1.42 12.47
CA ALA A 23 -2.35 -0.46 11.97
C ALA A 23 -1.91 0.96 12.32
N LEU A 24 -1.79 1.80 11.29
CA LEU A 24 -1.56 3.22 11.46
C LEU A 24 -2.81 4.00 11.06
N ILE A 25 -3.20 4.97 11.90
CA ILE A 25 -4.07 6.06 11.46
C ILE A 25 -3.32 7.37 11.50
N ASP A 26 -3.26 8.06 10.37
CA ASP A 26 -2.71 9.41 10.32
C ASP A 26 -3.85 10.43 10.32
N THR A 27 -3.98 11.16 11.43
CA THR A 27 -5.15 12.02 11.63
C THR A 27 -5.03 13.33 10.85
N ALA A 28 -3.92 13.50 10.13
CA ALA A 28 -3.78 14.61 9.20
C ALA A 28 -4.80 14.51 8.08
N ASP A 29 -5.07 13.28 7.63
CA ASP A 29 -5.96 13.05 6.51
C ASP A 29 -6.83 11.80 6.72
N ASN A 30 -6.73 11.21 7.91
CA ASN A 30 -7.58 10.09 8.29
C ASN A 30 -7.28 8.85 7.47
N THR A 31 -6.10 8.80 6.89
CA THR A 31 -5.68 7.65 6.09
C THR A 31 -5.11 6.55 6.96
N GLN A 32 -5.19 5.31 6.49
N GLN A 32 -5.13 5.33 6.44
CA GLN A 32 -4.73 4.16 7.25
CA GLN A 32 -4.73 4.16 7.20
C GLN A 32 -3.65 3.39 6.50
C GLN A 32 -3.60 3.44 6.47
N VAL A 33 -2.72 2.81 7.23
CA VAL A 33 -1.83 1.79 6.69
C VAL A 33 -1.90 0.53 7.53
N LEU A 34 -2.31 -0.60 6.88
CA LEU A 34 -2.57 -1.85 7.60
C LEU A 34 -1.61 -2.94 7.14
N TYR A 35 -1.19 -3.77 8.09
CA TYR A 35 -0.54 -5.04 7.77
C TYR A 35 -1.10 -6.15 8.65
N ARG A 36 -1.72 -7.14 8.02
CA ARG A 36 -2.57 -8.09 8.73
C ARG A 36 -3.53 -7.35 9.66
N GLY A 37 -4.16 -6.30 9.13
CA GLY A 37 -4.93 -5.37 9.94
C GLY A 37 -6.23 -5.96 10.44
N ASP A 38 -6.69 -7.02 9.79
CA ASP A 38 -7.96 -7.64 10.13
C ASP A 38 -7.78 -9.07 10.66
N GLU A 39 -6.54 -9.44 10.97
CA GLU A 39 -6.27 -10.69 11.69
C GLU A 39 -6.33 -10.45 13.19
N ARG A 40 -6.73 -11.48 13.93
CA ARG A 40 -6.83 -11.38 15.38
C ARG A 40 -5.48 -11.67 16.05
N PHE A 41 -5.15 -10.84 17.02
CA PHE A 41 -3.96 -11.03 17.85
C PHE A 41 -4.36 -10.99 19.31
N PRO A 42 -3.62 -11.71 20.17
CA PRO A 42 -3.80 -11.55 21.61
C PRO A 42 -3.30 -10.21 22.12
N MET A 43 -4.19 -9.47 22.79
CA MET A 43 -3.90 -8.11 23.22
C MET A 43 -2.86 -8.08 24.33
N CYS A 44 -2.91 -9.10 25.18
CA CYS A 44 -2.23 -9.05 26.46
C CYS A 44 -2.50 -7.71 27.14
N SER A 45 -1.47 -7.09 27.73
CA SER A 45 -1.70 -5.97 28.64
C SER A 45 -2.15 -4.68 27.94
N THR A 46 -2.19 -4.69 26.60
CA THR A 46 -2.69 -3.51 25.88
C THR A 46 -4.19 -3.37 26.07
N SER A 47 -4.82 -4.42 26.59
CA SER A 47 -6.24 -4.38 26.92
C SER A 47 -6.53 -3.45 28.10
N LYS A 48 -5.49 -3.10 28.85
CA LYS A 48 -5.66 -2.30 30.06
C LYS A 48 -6.13 -0.87 29.73
N VAL A 49 -5.86 -0.44 28.50
CA VAL A 49 -6.33 0.87 28.06
C VAL A 49 -7.85 0.92 28.01
N MET A 50 -8.47 -0.16 27.54
CA MET A 50 -9.93 -0.24 27.47
C MET A 50 -10.55 -0.25 28.87
N ALA A 51 -9.91 -0.98 29.80
CA ALA A 51 -10.41 -1.07 31.16
C ALA A 51 -10.33 0.28 31.87
N ALA A 52 -9.19 0.95 31.75
CA ALA A 52 -9.00 2.26 32.36
C ALA A 52 -9.98 3.27 31.78
N ALA A 53 -10.17 3.21 30.46
CA ALA A 53 -11.08 4.14 29.78
C ALA A 53 -12.52 3.93 30.24
N ALA A 54 -12.88 2.67 30.48
CA ALA A 54 -14.24 2.35 30.93
C ALA A 54 -14.51 2.94 32.30
N VAL A 55 -13.50 2.91 33.18
CA VAL A 55 -13.63 3.49 34.51
C VAL A 55 -13.66 5.02 34.44
N LEU A 56 -12.90 5.58 33.50
CA LEU A 56 -12.98 7.01 33.23
C LEU A 56 -14.38 7.42 32.78
N LYS A 57 -14.99 6.59 31.94
CA LYS A 57 -16.35 6.87 31.47
C LYS A 57 -17.34 6.85 32.63
N GLN A 58 -17.18 5.87 33.53
CA GLN A 58 -18.00 5.83 34.74
C GLN A 58 -17.86 7.12 35.54
N SER A 59 -16.64 7.65 35.58
CA SER A 59 -16.33 8.78 36.45
C SER A 59 -16.96 10.07 35.93
N GLU A 60 -17.50 10.02 34.72
CA GLU A 60 -18.16 11.18 34.14
C GLU A 60 -19.48 11.49 34.85
N THR A 61 -20.09 10.47 35.45
CA THR A 61 -21.33 10.65 36.18
C THR A 61 -21.16 10.38 37.67
N GLN A 62 -19.92 10.15 38.08
CA GLN A 62 -19.57 10.07 39.50
C GLN A 62 -18.29 10.84 39.79
N LYS A 63 -18.43 12.05 40.31
CA LYS A 63 -17.32 12.99 40.41
C LYS A 63 -16.21 12.43 41.31
N GLN A 64 -16.59 11.59 42.27
CA GLN A 64 -15.67 11.16 43.32
C GLN A 64 -15.09 9.78 43.02
N LEU A 65 -15.49 9.19 41.89
CA LEU A 65 -15.22 7.77 41.66
C LEU A 65 -13.72 7.49 41.71
N LEU A 66 -12.92 8.35 41.09
CA LEU A 66 -11.49 8.10 40.97
C LEU A 66 -10.78 8.20 42.32
N ASN A 67 -11.49 8.74 43.31
CA ASN A 67 -10.96 8.83 44.68
C ASN A 67 -11.42 7.64 45.53
N GLN A 68 -12.27 6.81 44.96
CA GLN A 68 -12.86 5.69 45.70
C GLN A 68 -11.79 4.67 46.07
N PRO A 69 -11.73 4.29 47.36
CA PRO A 69 -10.73 3.32 47.79
C PRO A 69 -11.13 1.88 47.49
N VAL A 70 -10.15 1.08 47.08
CA VAL A 70 -10.37 -0.33 46.81
C VAL A 70 -9.42 -1.16 47.67
N GLU A 71 -9.98 -2.13 48.39
N GLU A 71 -9.97 -2.18 48.33
CA GLU A 71 -9.17 -2.96 49.28
CA GLU A 71 -9.21 -2.98 49.27
C GLU A 71 -8.25 -3.86 48.49
C GLU A 71 -8.26 -3.92 48.53
N ILE A 72 -6.97 -3.88 48.88
CA ILE A 72 -6.01 -4.84 48.37
C ILE A 72 -5.68 -5.88 49.44
N LYS A 73 -5.98 -7.14 49.15
N LYS A 73 -6.00 -7.13 49.15
CA LYS A 73 -5.70 -8.23 50.07
CA LYS A 73 -5.69 -8.24 50.06
C LYS A 73 -4.56 -9.09 49.55
C LYS A 73 -4.48 -9.01 49.57
N PRO A 74 -3.87 -9.80 50.47
CA PRO A 74 -2.74 -10.65 50.09
C PRO A 74 -3.08 -11.60 48.96
N ALA A 75 -4.32 -12.07 48.93
CA ALA A 75 -4.76 -13.04 47.94
C ALA A 75 -4.90 -12.40 46.56
N ASP A 76 -4.93 -11.07 46.52
CA ASP A 76 -5.19 -10.34 45.28
C ASP A 76 -3.94 -10.30 44.39
N LEU A 77 -2.77 -10.46 45.00
CA LEU A 77 -1.52 -10.37 44.27
C LEU A 77 -1.40 -11.52 43.29
N VAL A 78 -0.96 -11.19 42.07
CA VAL A 78 -0.73 -12.20 41.05
C VAL A 78 0.75 -12.21 40.65
N ASN A 79 1.05 -12.23 39.36
CA ASN A 79 2.40 -12.55 38.89
C ASN A 79 3.30 -11.31 38.84
N TYR A 80 2.70 -10.14 38.67
CA TYR A 80 3.44 -8.90 38.56
C TYR A 80 2.61 -7.72 39.06
N ASN A 81 3.02 -7.17 40.20
N ASN A 81 2.98 -7.18 40.22
CA ASN A 81 2.20 -6.25 40.97
CA ASN A 81 2.16 -6.17 40.86
C ASN A 81 3.07 -5.28 41.78
C ASN A 81 3.00 -5.26 41.73
N PRO A 82 3.92 -4.51 41.10
CA PRO A 82 4.93 -3.71 41.79
C PRO A 82 4.31 -2.61 42.66
N ILE A 83 3.16 -2.11 42.25
CA ILE A 83 2.50 -1.04 43.00
C ILE A 83 1.54 -1.61 44.05
N ALA A 84 0.74 -2.60 43.66
CA ALA A 84 -0.30 -3.13 44.53
C ALA A 84 0.30 -3.80 45.77
N GLU A 85 1.49 -4.38 45.63
CA GLU A 85 2.08 -5.15 46.73
C GLU A 85 2.51 -4.24 47.88
N LYS A 86 2.60 -2.94 47.60
CA LYS A 86 2.88 -1.96 48.64
C LYS A 86 1.65 -1.67 49.51
N HIS A 87 0.49 -2.05 49.00
CA HIS A 87 -0.78 -1.61 49.58
C HIS A 87 -1.62 -2.78 50.08
N VAL A 88 -1.00 -3.95 50.19
N VAL A 88 -1.01 -3.95 50.18
CA VAL A 88 -1.68 -5.12 50.72
CA VAL A 88 -1.70 -5.12 50.72
C VAL A 88 -2.10 -4.89 52.17
C VAL A 88 -2.10 -4.88 52.16
N ASN A 89 -3.31 -5.32 52.50
CA ASN A 89 -3.94 -4.95 53.78
C ASN A 89 -4.14 -3.44 53.90
N GLY A 90 -4.15 -2.76 52.76
CA GLY A 90 -4.62 -1.39 52.70
C GLY A 90 -5.53 -1.16 51.52
N THR A 91 -5.46 0.03 50.93
CA THR A 91 -6.32 0.39 49.82
C THR A 91 -5.56 1.15 48.75
N MET A 92 -6.05 1.07 47.52
CA MET A 92 -5.68 2.02 46.47
C MET A 92 -6.94 2.64 45.89
N THR A 93 -6.85 3.91 45.49
CA THR A 93 -7.96 4.56 44.79
C THR A 93 -8.02 4.07 43.35
N LEU A 94 -9.16 4.30 42.71
CA LEU A 94 -9.35 3.88 41.33
C LEU A 94 -8.46 4.68 40.38
N ALA A 95 -8.10 5.90 40.77
CA ALA A 95 -7.09 6.67 40.04
C ALA A 95 -5.72 6.01 40.15
N GLU A 96 -5.36 5.61 41.37
CA GLU A 96 -4.07 4.95 41.61
C GLU A 96 -3.99 3.63 40.86
N LEU A 97 -5.09 2.89 40.84
CA LEU A 97 -5.14 1.60 40.15
C LEU A 97 -5.05 1.78 38.64
N SER A 98 -5.67 2.83 38.13
CA SER A 98 -5.60 3.13 36.71
C SER A 98 -4.17 3.49 36.30
N ALA A 99 -3.52 4.34 37.07
CA ALA A 99 -2.15 4.75 36.78
C ALA A 99 -1.19 3.56 36.89
N ALA A 100 -1.40 2.73 37.91
CA ALA A 100 -0.55 1.56 38.11
C ALA A 100 -0.70 0.56 36.97
N ALA A 101 -1.94 0.33 36.54
CA ALA A 101 -2.21 -0.56 35.43
C ALA A 101 -1.56 -0.05 34.15
N LEU A 102 -1.75 1.22 33.84
CA LEU A 102 -1.31 1.77 32.57
C LEU A 102 0.19 1.99 32.54
N GLN A 103 0.73 2.60 33.59
CA GLN A 103 2.09 3.14 33.54
C GLN A 103 3.13 2.13 34.01
N TYR A 104 2.69 1.13 34.78
CA TYR A 104 3.61 0.12 35.32
C TYR A 104 3.18 -1.29 34.89
N SER A 105 2.05 -1.38 34.21
CA SER A 105 1.43 -2.67 33.87
C SER A 105 1.36 -3.58 35.10
N ASP A 106 0.84 -3.02 36.19
CA ASP A 106 0.49 -3.80 37.37
C ASP A 106 -0.76 -4.63 37.12
N ASN A 107 -0.63 -5.95 37.27
CA ASN A 107 -1.71 -6.86 36.87
C ASN A 107 -2.81 -6.93 37.94
N THR A 108 -2.43 -6.77 39.20
CA THR A 108 -3.41 -6.70 40.27
C THR A 108 -4.28 -5.46 40.12
N ALA A 109 -3.67 -4.36 39.68
CA ALA A 109 -4.41 -3.14 39.42
C ALA A 109 -5.41 -3.33 38.29
N MET A 110 -5.00 -4.01 37.22
CA MET A 110 -5.91 -4.32 36.12
C MET A 110 -7.10 -5.13 36.61
N ASN A 111 -6.84 -6.10 37.48
CA ASN A 111 -7.91 -6.96 37.97
C ASN A 111 -8.93 -6.20 38.82
N LYS A 112 -8.47 -5.15 39.49
CA LYS A 112 -9.37 -4.28 40.25
C LYS A 112 -10.22 -3.41 39.34
N LEU A 113 -9.64 -2.95 38.22
CA LEU A 113 -10.41 -2.24 37.20
C LEU A 113 -11.49 -3.14 36.62
N ILE A 114 -11.10 -4.36 36.26
CA ILE A 114 -12.04 -5.32 35.70
C ILE A 114 -13.19 -5.59 36.67
N ALA A 115 -12.86 -5.75 37.95
CA ALA A 115 -13.87 -6.00 38.97
C ALA A 115 -14.83 -4.82 39.11
N GLN A 116 -14.28 -3.61 39.04
CA GLN A 116 -15.08 -2.39 39.13
C GLN A 116 -16.09 -2.31 37.98
N LEU A 117 -15.80 -3.02 36.89
CA LEU A 117 -16.65 -2.98 35.71
C LEU A 117 -17.54 -4.22 35.62
N GLY A 118 -17.44 -5.09 36.61
CA GLY A 118 -18.35 -6.23 36.73
C GLY A 118 -17.82 -7.48 36.05
N GLY A 119 -16.53 -7.48 35.73
CA GLY A 119 -15.90 -8.63 35.10
C GLY A 119 -15.43 -8.30 33.69
N PRO A 120 -14.78 -9.27 33.03
CA PRO A 120 -14.21 -9.03 31.71
C PRO A 120 -15.27 -8.61 30.69
N GLY A 121 -16.49 -9.12 30.85
CA GLY A 121 -17.59 -8.76 29.97
C GLY A 121 -17.96 -7.29 30.04
N GLY A 122 -17.74 -6.69 31.20
CA GLY A 122 -17.99 -5.26 31.38
C GLY A 122 -17.06 -4.41 30.54
N VAL A 123 -15.81 -4.85 30.40
CA VAL A 123 -14.86 -4.15 29.54
C VAL A 123 -15.24 -4.30 28.08
N THR A 124 -15.71 -5.48 27.71
CA THR A 124 -16.18 -5.73 26.35
C THR A 124 -17.43 -4.90 26.05
N ALA A 125 -18.31 -4.76 27.04
CA ALA A 125 -19.52 -3.98 26.88
C ALA A 125 -19.20 -2.51 26.60
N PHE A 126 -18.19 -1.99 27.28
CA PHE A 126 -17.74 -0.62 27.04
C PHE A 126 -17.20 -0.47 25.61
N ALA A 127 -16.41 -1.44 25.18
CA ALA A 127 -15.89 -1.43 23.81
C ALA A 127 -17.02 -1.34 22.81
N ARG A 128 -18.07 -2.13 23.01
CA ARG A 128 -19.23 -2.12 22.11
C ARG A 128 -19.92 -0.76 22.15
N ALA A 129 -19.96 -0.15 23.32
CA ALA A 129 -20.68 1.11 23.50
C ALA A 129 -20.02 2.24 22.72
N ILE A 130 -18.70 2.15 22.52
CA ILE A 130 -17.98 3.17 21.78
C ILE A 130 -17.62 2.70 20.37
N GLY A 131 -18.30 1.65 19.92
CA GLY A 131 -18.38 1.34 18.49
C GLY A 131 -17.34 0.32 18.06
N ASP A 132 -16.68 -0.31 19.03
CA ASP A 132 -15.71 -1.36 18.73
C ASP A 132 -16.37 -2.73 18.82
N GLU A 133 -16.59 -3.35 17.67
N GLU A 133 -16.55 -3.37 17.67
CA GLU A 133 -17.32 -4.61 17.61
CA GLU A 133 -17.31 -4.61 17.57
C GLU A 133 -16.38 -5.80 17.55
C GLU A 133 -16.38 -5.81 17.68
N THR A 134 -15.09 -5.55 17.76
CA THR A 134 -14.06 -6.57 17.50
C THR A 134 -13.39 -6.99 18.81
N PHE A 135 -13.01 -6.00 19.61
CA PHE A 135 -12.44 -6.23 20.93
C PHE A 135 -13.25 -7.26 21.71
N ARG A 136 -12.55 -8.19 22.36
CA ARG A 136 -13.17 -8.99 23.43
C ARG A 136 -12.19 -9.26 24.56
N LEU A 137 -12.63 -8.98 25.78
CA LEU A 137 -11.92 -9.43 26.96
C LEU A 137 -12.70 -10.55 27.65
N ASP A 138 -12.00 -11.64 27.96
CA ASP A 138 -12.66 -12.87 28.38
C ASP A 138 -12.20 -13.27 29.77
N ARG A 139 -11.00 -12.84 30.15
CA ARG A 139 -10.35 -13.35 31.35
C ARG A 139 -9.68 -12.23 32.13
N THR A 140 -9.39 -12.51 33.39
CA THR A 140 -8.58 -11.62 34.23
C THR A 140 -7.10 -11.85 33.96
N ALA A 141 -6.25 -11.05 34.61
CA ALA A 141 -4.82 -11.29 34.62
C ALA A 141 -4.46 -12.30 35.71
N PRO A 142 -3.61 -13.27 35.37
CA PRO A 142 -2.68 -13.13 34.26
C PRO A 142 -3.11 -13.90 33.02
N THR A 143 -4.15 -14.72 33.14
CA THR A 143 -4.44 -15.72 32.11
C THR A 143 -4.93 -15.09 30.82
N LEU A 144 -5.24 -13.80 30.85
CA LEU A 144 -5.58 -13.09 29.61
C LEU A 144 -4.35 -12.91 28.71
N ASN A 145 -3.20 -13.37 29.21
CA ASN A 145 -1.94 -13.25 28.45
C ASN A 145 -1.42 -14.59 27.94
N THR A 146 -2.24 -15.63 27.96
CA THR A 146 -1.79 -16.95 27.53
C THR A 146 -1.44 -16.97 26.04
N ALA A 147 -2.15 -16.16 25.25
CA ALA A 147 -1.73 -15.83 23.89
C ALA A 147 -1.55 -17.09 23.03
N ILE A 148 -2.45 -18.04 23.20
CA ILE A 148 -2.38 -19.30 22.46
C ILE A 148 -2.83 -19.10 21.02
N PRO A 149 -2.02 -19.57 20.06
N PRO A 149 -2.00 -19.55 20.06
CA PRO A 149 -2.40 -19.42 18.66
CA PRO A 149 -2.39 -19.41 18.65
C PRO A 149 -3.76 -20.05 18.36
C PRO A 149 -3.74 -20.05 18.35
N GLY A 150 -4.63 -19.28 17.73
CA GLY A 150 -5.93 -19.79 17.31
C GLY A 150 -7.02 -19.51 18.33
N ASP A 151 -6.61 -19.10 19.52
CA ASP A 151 -7.54 -18.81 20.62
C ASP A 151 -8.12 -17.41 20.45
N PRO A 152 -9.46 -17.31 20.38
CA PRO A 152 -10.07 -16.00 20.14
C PRO A 152 -10.16 -15.14 21.39
N ARG A 153 -9.96 -15.76 22.56
CA ARG A 153 -10.14 -15.06 23.82
C ARG A 153 -9.13 -13.92 23.96
N ASP A 154 -9.61 -12.78 24.43
CA ASP A 154 -8.73 -11.66 24.76
C ASP A 154 -7.94 -11.23 23.54
N THR A 155 -8.63 -11.13 22.41
CA THR A 155 -8.01 -10.70 21.16
C THR A 155 -8.69 -9.44 20.62
N THR A 156 -8.01 -8.79 19.70
CA THR A 156 -8.66 -7.87 18.78
C THR A 156 -7.85 -7.82 17.48
N THR A 157 -8.24 -6.97 16.54
CA THR A 157 -7.45 -6.75 15.34
C THR A 157 -6.72 -5.42 15.42
N PRO A 158 -5.63 -5.28 14.65
CA PRO A 158 -4.90 -4.02 14.68
C PRO A 158 -5.74 -2.84 14.21
N ARG A 159 -6.56 -3.06 13.18
CA ARG A 159 -7.45 -2.01 12.68
C ARG A 159 -8.41 -1.55 13.77
N ALA A 160 -9.04 -2.50 14.45
CA ALA A 160 -10.04 -2.17 15.45
C ALA A 160 -9.43 -1.39 16.61
N MET A 161 -8.28 -1.85 17.09
N MET A 161 -8.25 -1.82 17.06
CA MET A 161 -7.65 -1.22 18.25
CA MET A 161 -7.64 -1.23 18.24
C MET A 161 -7.20 0.20 17.91
C MET A 161 -7.09 0.17 17.95
N ALA A 162 -6.65 0.38 16.72
CA ALA A 162 -6.19 1.71 16.29
C ALA A 162 -7.35 2.68 16.25
N GLN A 163 -8.49 2.23 15.73
N GLN A 163 -8.49 2.25 15.70
CA GLN A 163 -9.68 3.08 15.64
CA GLN A 163 -9.67 3.08 15.63
C GLN A 163 -10.20 3.43 17.03
C GLN A 163 -10.15 3.45 17.04
N THR A 164 -10.15 2.47 17.93
CA THR A 164 -10.64 2.68 19.29
C THR A 164 -9.69 3.58 20.08
N LEU A 165 -8.39 3.38 19.92
CA LEU A 165 -7.41 4.21 20.62
C LEU A 165 -7.51 5.66 20.15
N ARG A 166 -7.80 5.86 18.87
CA ARG A 166 -8.01 7.20 18.34
C ARG A 166 -9.23 7.85 18.98
N GLN A 167 -10.34 7.12 19.02
CA GLN A 167 -11.58 7.65 19.59
C GLN A 167 -11.39 8.01 21.05
N LEU A 168 -10.59 7.23 21.77
CA LEU A 168 -10.42 7.42 23.20
C LEU A 168 -9.52 8.63 23.51
N THR A 169 -8.46 8.80 22.73
CA THR A 169 -7.40 9.74 23.08
C THR A 169 -7.52 11.06 22.31
N LEU A 170 -8.04 10.98 21.10
CA LEU A 170 -8.08 12.16 20.22
C LEU A 170 -9.52 12.54 19.87
N GLY A 171 -10.43 11.57 19.97
CA GLY A 171 -11.83 11.81 19.65
C GLY A 171 -12.67 12.05 20.89
N HIS A 172 -13.94 11.69 20.83
CA HIS A 172 -14.92 12.16 21.81
C HIS A 172 -15.66 10.98 22.46
N ALA A 173 -14.99 9.85 22.56
CA ALA A 173 -15.52 8.70 23.29
C ALA A 173 -15.59 9.00 24.79
N LEU A 174 -14.64 9.79 25.27
CA LEU A 174 -14.64 10.25 26.65
C LEU A 174 -14.93 11.75 26.71
N GLY A 175 -15.35 12.24 27.87
CA GLY A 175 -15.39 13.67 28.14
C GLY A 175 -14.01 14.28 28.13
N GLU A 176 -13.93 15.60 27.99
CA GLU A 176 -12.66 16.25 27.69
C GLU A 176 -11.64 16.02 28.81
N THR A 177 -12.09 16.23 30.05
N THR A 177 -12.09 16.11 30.06
CA THR A 177 -11.24 16.01 31.22
CA THR A 177 -11.16 16.01 31.18
C THR A 177 -10.72 14.58 31.25
C THR A 177 -10.80 14.56 31.47
N GLN A 178 -11.60 13.63 30.97
CA GLN A 178 -11.27 12.22 31.03
C GLN A 178 -10.30 11.83 29.92
N ARG A 179 -10.53 12.38 28.73
N ARG A 179 -10.54 12.35 28.72
CA ARG A 179 -9.63 12.16 27.60
CA ARG A 179 -9.63 12.15 27.59
C ARG A 179 -8.24 12.70 27.90
C ARG A 179 -8.24 12.67 27.95
N ALA A 180 -8.18 13.87 28.51
CA ALA A 180 -6.91 14.47 28.92
C ALA A 180 -6.20 13.59 29.95
N GLN A 181 -6.96 13.05 30.90
CA GLN A 181 -6.40 12.19 31.93
C GLN A 181 -5.80 10.92 31.33
N LEU A 182 -6.51 10.32 30.38
CA LEU A 182 -6.02 9.11 29.73
C LEU A 182 -4.73 9.39 28.98
N VAL A 183 -4.67 10.53 28.29
CA VAL A 183 -3.49 10.90 27.52
C VAL A 183 -2.31 11.19 28.44
N THR A 184 -2.59 11.83 29.58
CA THR A 184 -1.56 12.09 30.58
C THR A 184 -0.98 10.78 31.13
N TRP A 185 -1.86 9.81 31.40
CA TRP A 185 -1.41 8.52 31.90
C TRP A 185 -0.53 7.81 30.86
N LEU A 186 -0.98 7.77 29.61
CA LEU A 186 -0.24 7.09 28.55
C LEU A 186 1.13 7.74 28.35
N LYS A 187 1.18 9.07 28.38
CA LYS A 187 2.42 9.79 28.15
C LYS A 187 3.41 9.53 29.29
N GLY A 188 2.90 9.09 30.43
CA GLY A 188 3.75 8.80 31.59
C GLY A 188 4.09 7.33 31.74
N ASN A 189 3.82 6.54 30.71
CA ASN A 189 4.17 5.12 30.73
C ASN A 189 5.66 4.95 31.00
N THR A 190 6.01 3.91 31.76
CA THR A 190 7.40 3.64 32.08
C THR A 190 8.00 2.52 31.23
N THR A 191 7.16 1.78 30.52
CA THR A 191 7.56 0.46 29.99
C THR A 191 7.88 0.46 28.50
N GLY A 192 7.89 1.64 27.87
CA GLY A 192 7.63 1.74 26.43
C GLY A 192 8.85 2.01 25.56
N ALA A 193 9.97 2.37 26.18
CA ALA A 193 11.06 3.02 25.44
C ALA A 193 11.75 2.09 24.44
N ALA A 194 11.55 0.78 24.60
CA ALA A 194 12.23 -0.21 23.74
C ALA A 194 11.33 -0.63 22.57
N SER A 195 10.08 -0.19 22.58
CA SER A 195 9.09 -0.68 21.64
C SER A 195 8.86 0.35 20.53
N ILE A 196 7.62 0.78 20.32
CA ILE A 196 7.34 1.72 19.23
C ILE A 196 8.24 2.96 19.31
N ARG A 197 8.33 3.54 20.51
N ARG A 197 8.47 3.44 20.53
N ARG A 197 8.45 3.46 20.53
CA ARG A 197 9.24 4.64 20.79
CA ARG A 197 9.23 4.67 20.73
CA ARG A 197 9.24 4.67 20.71
C ARG A 197 10.59 4.46 20.08
C ARG A 197 10.66 4.52 20.20
C ARG A 197 10.65 4.50 20.15
N ALA A 198 11.19 3.30 20.26
CA ALA A 198 12.58 3.06 19.88
C ALA A 198 12.78 3.19 18.37
N GLY A 199 11.68 3.19 17.62
CA GLY A 199 11.74 3.25 16.16
C GLY A 199 11.44 4.64 15.62
N LEU A 200 11.12 5.58 16.51
CA LEU A 200 10.71 6.91 16.10
C LEU A 200 11.81 7.93 16.38
N PRO A 201 11.77 9.07 15.68
CA PRO A 201 12.67 10.18 16.01
C PRO A 201 12.46 10.68 17.43
N THR A 202 13.55 11.05 18.10
CA THR A 202 13.51 11.41 19.51
C THR A 202 12.56 12.58 19.75
N SER A 203 12.41 13.44 18.75
CA SER A 203 11.66 14.68 18.91
C SER A 203 10.16 14.40 18.98
N TRP A 204 9.75 13.22 18.53
CA TRP A 204 8.34 12.85 18.52
C TRP A 204 7.87 12.44 19.91
N THR A 205 6.69 12.89 20.30
N THR A 205 6.73 12.97 20.33
CA THR A 205 6.16 12.58 21.63
CA THR A 205 6.12 12.61 21.60
C THR A 205 5.17 11.42 21.57
C THR A 205 5.31 11.32 21.46
N VAL A 206 5.34 10.49 22.49
CA VAL A 206 4.63 9.22 22.46
C VAL A 206 3.93 8.98 23.80
N GLY A 207 2.68 8.56 23.74
CA GLY A 207 2.06 7.85 24.86
C GLY A 207 1.57 6.48 24.43
N ASP A 208 1.95 5.46 25.19
CA ASP A 208 1.80 4.09 24.73
C ASP A 208 1.48 3.14 25.87
N LYS A 209 0.93 1.98 25.51
CA LYS A 209 0.79 0.88 26.44
C LYS A 209 1.33 -0.40 25.82
N THR A 210 2.24 -1.06 26.52
CA THR A 210 2.86 -2.28 26.04
C THR A 210 2.06 -3.51 26.46
N GLY A 211 2.42 -4.66 25.91
CA GLY A 211 1.97 -5.94 26.45
C GLY A 211 2.93 -7.06 26.12
N SER A 212 2.86 -8.12 26.92
CA SER A 212 3.67 -9.31 26.70
C SER A 212 2.89 -10.54 27.15
N GLY A 213 3.23 -11.69 26.58
CA GLY A 213 2.62 -12.94 26.99
C GLY A 213 3.43 -14.14 26.53
N ASP A 214 2.74 -15.29 26.69
CA ASP A 214 3.36 -16.48 26.14
C ASP A 214 3.45 -16.39 24.61
N TYR A 215 4.10 -17.38 24.01
CA TYR A 215 4.36 -17.37 22.56
C TYR A 215 5.08 -16.10 22.15
N GLY A 216 5.99 -15.65 23.01
CA GLY A 216 6.86 -14.52 22.69
C GLY A 216 6.08 -13.29 22.26
N THR A 217 4.85 -13.17 22.78
CA THR A 217 3.95 -12.13 22.32
C THR A 217 4.38 -10.78 22.85
N THR A 218 4.55 -9.84 21.92
CA THR A 218 5.17 -8.55 22.20
C THR A 218 4.39 -7.45 21.51
N ASN A 219 3.71 -6.63 22.30
CA ASN A 219 2.72 -5.68 21.75
C ASN A 219 3.05 -4.26 22.18
N ASP A 220 2.49 -3.30 21.44
CA ASP A 220 2.52 -1.90 21.84
C ASP A 220 1.46 -1.14 21.06
N ILE A 221 0.70 -0.29 21.75
CA ILE A 221 -0.23 0.61 21.08
C ILE A 221 -0.02 2.04 21.56
N ALA A 222 0.07 2.97 20.61
CA ALA A 222 0.61 4.29 20.87
C ALA A 222 -0.22 5.38 20.21
N VAL A 223 -0.27 6.53 20.86
N VAL A 223 -0.36 6.51 20.89
CA VAL A 223 -0.63 7.78 20.20
CA VAL A 223 -0.62 7.78 20.22
C VAL A 223 0.57 8.71 20.12
C VAL A 223 0.67 8.57 20.08
N ILE A 224 0.86 9.18 18.92
CA ILE A 224 2.14 9.77 18.58
C ILE A 224 1.92 11.21 18.09
N TRP A 225 2.69 12.14 18.63
CA TRP A 225 2.67 13.51 18.14
C TRP A 225 3.99 13.85 17.46
N PRO A 226 4.06 13.64 16.15
CA PRO A 226 5.28 13.90 15.41
C PRO A 226 5.59 15.40 15.33
N GLN A 227 6.91 15.59 15.19
CA GLN A 227 7.43 16.94 14.97
C GLN A 227 6.75 17.58 13.77
N GLY A 228 5.87 18.55 14.05
CA GLY A 228 5.34 19.42 13.01
C GLY A 228 4.19 18.79 12.25
N ARG A 229 3.61 17.73 12.82
N ARG A 229 3.63 17.71 12.80
CA ARG A 229 2.60 16.92 12.15
CA ARG A 229 2.59 16.96 12.11
C ARG A 229 1.40 16.71 13.07
C ARG A 229 1.43 16.61 13.04
N ALA A 230 0.24 16.46 12.48
CA ALA A 230 -0.92 15.98 13.24
C ALA A 230 -0.64 14.61 13.85
N PRO A 231 -1.40 14.25 14.89
CA PRO A 231 -1.05 13.04 15.63
C PRO A 231 -1.27 11.78 14.82
N LEU A 232 -0.53 10.72 15.15
CA LEU A 232 -0.78 9.40 14.62
C LEU A 232 -1.33 8.50 15.71
N VAL A 233 -1.98 7.42 15.29
CA VAL A 233 -2.22 6.28 16.17
C VAL A 233 -1.63 5.03 15.54
N LEU A 234 -0.82 4.32 16.32
CA LEU A 234 -0.09 3.17 15.80
C LEU A 234 -0.24 1.97 16.72
N VAL A 235 -0.70 0.86 16.14
N VAL A 235 -0.62 0.82 16.15
CA VAL A 235 -0.74 -0.43 16.82
CA VAL A 235 -0.69 -0.40 16.93
C VAL A 235 0.30 -1.36 16.20
C VAL A 235 0.13 -1.51 16.29
N THR A 236 1.11 -2.00 17.04
CA THR A 236 2.00 -3.06 16.58
C THR A 236 1.86 -4.29 17.47
N TYR A 237 1.45 -5.38 16.84
N TYR A 237 1.32 -5.37 16.90
CA TYR A 237 1.26 -6.65 17.53
CA TYR A 237 1.27 -6.64 17.59
C TYR A 237 2.21 -7.68 16.95
C TYR A 237 2.25 -7.64 16.98
N PHE A 238 2.75 -8.54 17.81
CA PHE A 238 3.70 -9.55 17.35
C PHE A 238 3.61 -10.80 18.22
N THR A 239 3.57 -11.96 17.57
CA THR A 239 3.45 -13.22 18.28
C THR A 239 4.08 -14.35 17.48
N GLN A 240 4.57 -15.36 18.20
CA GLN A 240 5.53 -16.32 17.65
C GLN A 240 5.05 -17.75 17.88
N PRO A 241 5.61 -18.71 17.13
CA PRO A 241 4.97 -20.03 17.08
C PRO A 241 5.15 -20.84 18.37
N GLN A 242 6.26 -20.63 19.06
N GLN A 242 6.28 -20.65 19.04
CA GLN A 242 6.63 -21.47 20.20
CA GLN A 242 6.64 -21.48 20.19
C GLN A 242 6.30 -20.80 21.52
C GLN A 242 6.25 -20.78 21.50
N GLN A 243 5.78 -21.58 22.46
CA GLN A 243 5.22 -21.04 23.70
C GLN A 243 6.26 -20.22 24.46
N ASN A 244 7.52 -20.65 24.38
N ASN A 244 7.51 -20.71 24.49
CA ASN A 244 8.56 -20.15 25.27
CA ASN A 244 8.54 -20.10 25.32
C ASN A 244 9.43 -19.12 24.57
C ASN A 244 9.50 -19.26 24.47
N ALA A 245 8.98 -18.68 23.40
CA ALA A 245 9.75 -17.72 22.59
C ALA A 245 10.06 -16.47 23.40
N GLU A 246 11.18 -15.82 23.07
CA GLU A 246 11.60 -14.61 23.77
C GLU A 246 10.85 -13.39 23.22
N SER A 247 10.73 -12.35 24.05
CA SER A 247 10.17 -11.08 23.61
C SER A 247 11.01 -10.47 22.49
N ARG A 248 10.35 -9.75 21.59
CA ARG A 248 11.02 -9.09 20.47
C ARG A 248 10.54 -7.65 20.33
N ARG A 249 10.85 -6.82 21.31
N ARG A 249 10.85 -6.83 21.32
CA ARG A 249 10.45 -5.43 21.29
CA ARG A 249 10.45 -5.43 21.29
C ARG A 249 11.13 -4.68 20.14
C ARG A 249 11.13 -4.69 20.13
N ASP A 250 12.28 -5.21 19.70
CA ASP A 250 13.00 -4.64 18.58
C ASP A 250 12.21 -4.73 17.29
N VAL A 251 11.37 -5.76 17.17
CA VAL A 251 10.56 -5.94 15.97
C VAL A 251 9.46 -4.89 15.89
N LEU A 252 8.92 -4.51 17.05
CA LEU A 252 7.97 -3.41 17.11
C LEU A 252 8.64 -2.09 16.75
N ALA A 253 9.84 -1.86 17.28
CA ALA A 253 10.61 -0.67 16.94
C ALA A 253 10.87 -0.61 15.44
N SER A 254 11.19 -1.75 14.85
CA SER A 254 11.50 -1.79 13.42
C SER A 254 10.27 -1.50 12.57
N ALA A 255 9.11 -1.99 13.02
CA ALA A 255 7.85 -1.71 12.35
C ALA A 255 7.53 -0.22 12.42
N ALA A 256 7.74 0.37 13.59
CA ALA A 256 7.48 1.80 13.80
C ALA A 256 8.39 2.65 12.90
N ARG A 257 9.63 2.22 12.75
N ARG A 257 9.64 2.23 12.79
CA ARG A 257 10.62 2.96 11.96
CA ARG A 257 10.62 2.96 11.97
C ARG A 257 10.25 2.92 10.48
C ARG A 257 10.19 2.94 10.50
N ILE A 258 9.75 1.79 10.03
CA ILE A 258 9.28 1.64 8.65
C ILE A 258 8.06 2.54 8.40
N ILE A 259 7.16 2.59 9.37
CA ILE A 259 5.97 3.42 9.28
C ILE A 259 6.34 4.91 9.27
N ALA A 260 7.29 5.27 10.14
CA ALA A 260 7.71 6.66 10.25
C ALA A 260 8.37 7.14 8.95
N GLU A 261 9.16 6.27 8.34
CA GLU A 261 9.95 6.64 7.18
C GLU A 261 9.08 6.66 5.92
N GLY A 262 7.86 6.17 6.07
CA GLY A 262 6.94 6.05 4.94
C GLY A 262 5.85 7.11 4.96
N LEU A 263 5.86 7.94 6.00
CA LEU A 263 4.94 9.08 6.08
C LEU A 263 5.22 10.09 4.97
N ALA B 4 -12.75 23.96 -24.95
CA ALA B 4 -13.79 23.37 -25.84
C ALA B 4 -13.58 21.88 -26.03
N VAL B 5 -12.41 21.51 -26.54
N VAL B 5 -12.42 21.51 -26.58
CA VAL B 5 -11.95 20.13 -26.49
CA VAL B 5 -11.91 20.15 -26.49
C VAL B 5 -12.02 19.60 -25.07
C VAL B 5 -12.05 19.61 -25.07
N GLN B 6 -11.82 20.49 -24.10
CA GLN B 6 -11.85 20.10 -22.69
C GLN B 6 -13.24 19.60 -22.29
N GLN B 7 -14.23 20.40 -22.56
CA GLN B 7 -15.53 19.99 -22.13
C GLN B 7 -16.00 18.73 -22.87
N LYS B 8 -15.50 18.50 -24.18
N LYS B 8 -15.55 18.59 -24.00
CA LYS B 8 -15.90 17.33 -24.95
CA LYS B 8 -15.93 17.42 -24.80
C LYS B 8 -15.30 16.06 -24.33
C LYS B 8 -15.37 16.14 -24.17
N LEU B 9 -14.09 16.17 -23.80
CA LEU B 9 -13.44 15.04 -23.15
C LEU B 9 -14.08 14.77 -21.78
N ALA B 10 -14.47 15.83 -21.08
CA ALA B 10 -15.16 15.68 -19.81
C ALA B 10 -16.49 14.99 -20.00
N ALA B 11 -17.22 15.37 -21.04
CA ALA B 11 -18.53 14.78 -21.32
C ALA B 11 -18.39 13.32 -21.71
N LEU B 12 -17.37 13.02 -22.53
CA LEU B 12 -17.07 11.65 -22.90
C LEU B 12 -16.80 10.80 -21.66
N GLU B 13 -15.97 11.32 -20.77
CA GLU B 13 -15.65 10.61 -19.53
C GLU B 13 -16.91 10.34 -18.72
N LYS B 14 -17.71 11.37 -18.56
CA LYS B 14 -18.92 11.24 -17.76
C LYS B 14 -19.88 10.17 -18.27
N SER B 15 -20.00 10.17 -19.58
N SER B 15 -19.95 10.14 -19.58
CA SER B 15 -20.83 9.16 -20.23
CA SER B 15 -20.83 9.18 -20.25
C SER B 15 -20.32 7.76 -19.93
C SER B 15 -20.30 7.76 -20.06
N SER B 16 -18.99 7.63 -19.83
CA SER B 16 -18.34 6.34 -19.86
C SER B 16 -18.46 5.63 -18.51
N GLY B 17 -18.58 6.43 -17.45
CA GLY B 17 -18.65 5.89 -16.09
C GLY B 17 -17.28 5.78 -15.45
N GLY B 18 -16.23 6.05 -16.22
CA GLY B 18 -14.87 5.71 -15.81
C GLY B 18 -13.99 6.94 -15.68
N ARG B 19 -12.69 6.71 -15.68
CA ARG B 19 -11.70 7.79 -15.52
C ARG B 19 -10.78 7.82 -16.73
N LEU B 20 -10.76 8.97 -17.41
CA LEU B 20 -10.09 9.09 -18.70
C LEU B 20 -8.88 10.01 -18.58
N GLY B 21 -7.75 9.58 -19.14
CA GLY B 21 -6.56 10.40 -19.18
C GLY B 21 -6.04 10.58 -20.60
N VAL B 22 -5.82 11.83 -20.99
CA VAL B 22 -5.38 12.14 -22.35
C VAL B 22 -4.20 13.10 -22.31
N ALA B 23 -3.20 12.83 -23.14
CA ALA B 23 -2.16 13.81 -23.42
C ALA B 23 -1.80 13.81 -24.89
N LEU B 24 -1.96 14.98 -25.52
CA LEU B 24 -1.53 15.18 -26.90
C LEU B 24 -0.32 16.11 -26.92
N ILE B 25 0.70 15.73 -27.69
CA ILE B 25 1.69 16.69 -28.18
C ILE B 25 1.58 16.83 -29.70
N ASP B 26 1.36 18.05 -30.16
CA ASP B 26 1.44 18.36 -31.58
C ASP B 26 2.78 18.98 -31.92
N THR B 27 3.64 18.21 -32.60
CA THR B 27 5.04 18.60 -32.77
C THR B 27 5.20 19.66 -33.85
N ALA B 28 4.09 20.06 -34.47
CA ALA B 28 4.09 21.19 -35.40
C ALA B 28 4.44 22.48 -34.66
N ASP B 29 3.90 22.64 -33.46
CA ASP B 29 4.01 23.88 -32.71
C ASP B 29 4.21 23.60 -31.23
N ASN B 30 4.37 22.32 -30.90
CA ASN B 30 4.62 21.91 -29.52
C ASN B 30 3.46 22.29 -28.61
N THR B 31 2.27 22.37 -29.18
CA THR B 31 1.06 22.60 -28.39
C THR B 31 0.57 21.30 -27.77
N GLN B 32 -0.11 21.41 -26.64
CA GLN B 32 -0.52 20.25 -25.88
C GLN B 32 -2.02 20.32 -25.58
N VAL B 33 -2.65 19.16 -25.52
CA VAL B 33 -3.95 19.02 -24.90
C VAL B 33 -3.92 17.93 -23.83
N LEU B 34 -4.31 18.33 -22.63
CA LEU B 34 -4.21 17.45 -21.48
C LEU B 34 -5.57 17.30 -20.80
N TYR B 35 -5.89 16.07 -20.42
CA TYR B 35 -7.05 15.80 -19.59
C TYR B 35 -6.71 14.77 -18.53
N ARG B 36 -6.75 15.17 -17.27
CA ARG B 36 -6.15 14.40 -16.19
C ARG B 36 -4.73 14.02 -16.56
N GLY B 37 -3.97 15.00 -17.05
CA GLY B 37 -2.67 14.74 -17.65
C GLY B 37 -1.62 14.36 -16.62
N ASP B 38 -1.85 14.74 -15.36
CA ASP B 38 -0.86 14.52 -14.31
C ASP B 38 -1.36 13.50 -13.27
N GLU B 39 -2.45 12.81 -13.58
CA GLU B 39 -2.91 11.71 -12.75
C GLU B 39 -2.23 10.41 -13.16
N ARG B 40 -2.05 9.51 -12.20
CA ARG B 40 -1.46 8.21 -12.48
C ARG B 40 -2.51 7.22 -12.98
N PHE B 41 -2.16 6.52 -14.06
CA PHE B 41 -2.99 5.45 -14.60
C PHE B 41 -2.17 4.18 -14.68
N PRO B 42 -2.82 3.01 -14.54
CA PRO B 42 -2.14 1.76 -14.81
C PRO B 42 -1.85 1.54 -16.29
N MET B 43 -0.58 1.41 -16.63
CA MET B 43 -0.14 1.37 -18.02
C MET B 43 -0.62 0.09 -18.69
N CYS B 44 -0.68 -0.98 -17.93
CA CYS B 44 -0.82 -2.32 -18.50
C CYS B 44 0.19 -2.48 -19.65
N SER B 45 -0.25 -3.05 -20.75
CA SER B 45 0.69 -3.52 -21.79
C SER B 45 1.37 -2.38 -22.55
N THR B 46 0.94 -1.14 -22.32
CA THR B 46 1.60 0.00 -22.96
C THR B 46 3.01 0.20 -22.39
N SER B 47 3.28 -0.47 -21.27
CA SER B 47 4.61 -0.44 -20.67
C SER B 47 5.63 -1.21 -21.50
N LYS B 48 5.14 -2.02 -22.43
CA LYS B 48 6.03 -2.85 -23.25
C LYS B 48 6.87 -2.00 -24.20
N VAL B 49 6.42 -0.78 -24.47
CA VAL B 49 7.20 0.14 -25.29
C VAL B 49 8.49 0.53 -24.58
N MET B 50 8.40 0.70 -23.26
N MET B 50 8.40 0.80 -23.28
CA MET B 50 9.54 1.13 -22.46
CA MET B 50 9.59 1.15 -22.50
C MET B 50 10.52 -0.02 -22.27
C MET B 50 10.54 -0.04 -22.40
N ALA B 51 10.00 -1.24 -22.24
CA ALA B 51 10.83 -2.43 -22.10
C ALA B 51 11.59 -2.71 -23.41
N ALA B 52 10.88 -2.65 -24.53
CA ALA B 52 11.49 -2.86 -25.83
C ALA B 52 12.54 -1.80 -26.12
N ALA B 53 12.24 -0.56 -25.77
CA ALA B 53 13.18 0.54 -25.97
C ALA B 53 14.43 0.35 -25.12
N ALA B 54 14.26 -0.16 -23.90
CA ALA B 54 15.38 -0.38 -23.01
C ALA B 54 16.34 -1.43 -23.56
N VAL B 55 15.77 -2.47 -24.19
CA VAL B 55 16.58 -3.50 -24.81
C VAL B 55 17.27 -2.98 -26.07
N LEU B 56 16.59 -2.08 -26.79
CA LEU B 56 17.20 -1.40 -27.93
C LEU B 56 18.39 -0.55 -27.48
N LYS B 57 18.25 0.13 -26.35
CA LYS B 57 19.34 0.94 -25.81
C LYS B 57 20.54 0.08 -25.45
N GLN B 58 20.28 -1.09 -24.85
CA GLN B 58 21.33 -2.05 -24.56
C GLN B 58 22.07 -2.43 -25.83
N SER B 59 21.32 -2.61 -26.92
CA SER B 59 21.87 -3.14 -28.16
C SER B 59 22.76 -2.11 -28.85
N GLU B 60 22.77 -0.88 -28.33
CA GLU B 60 23.61 0.18 -28.89
C GLU B 60 25.09 -0.07 -28.59
N THR B 61 25.37 -0.81 -27.52
CA THR B 61 26.75 -1.14 -27.16
C THR B 61 27.04 -2.62 -27.39
N GLN B 62 25.99 -3.43 -27.50
CA GLN B 62 26.14 -4.85 -27.81
C GLN B 62 25.51 -5.18 -29.15
N LYS B 63 26.33 -5.22 -30.20
N LYS B 63 26.31 -5.13 -30.21
CA LYS B 63 25.83 -5.07 -31.56
CA LYS B 63 25.78 -5.06 -31.56
C LYS B 63 25.07 -6.31 -32.01
C LYS B 63 24.92 -6.28 -31.88
N GLN B 64 25.32 -7.43 -31.36
CA GLN B 64 24.70 -8.70 -31.75
C GLN B 64 23.57 -9.08 -30.79
N LEU B 65 23.29 -8.20 -29.83
CA LEU B 65 22.38 -8.54 -28.74
C LEU B 65 21.02 -8.98 -29.28
N LEU B 66 20.51 -8.26 -30.27
CA LEU B 66 19.13 -8.45 -30.72
C LEU B 66 18.94 -9.82 -31.36
N ASN B 67 20.04 -10.44 -31.78
CA ASN B 67 19.97 -11.73 -32.45
C ASN B 67 20.34 -12.87 -31.49
N GLN B 68 20.52 -12.52 -30.22
N GLN B 68 20.47 -12.55 -30.21
CA GLN B 68 20.72 -13.50 -29.17
CA GLN B 68 20.79 -13.54 -29.20
C GLN B 68 19.49 -14.42 -29.05
C GLN B 68 19.58 -14.40 -28.87
N PRO B 69 19.73 -15.73 -29.00
CA PRO B 69 18.65 -16.67 -28.72
C PRO B 69 18.30 -16.76 -27.24
N VAL B 70 17.00 -16.79 -26.96
CA VAL B 70 16.51 -16.87 -25.59
C VAL B 70 15.60 -18.09 -25.44
N GLU B 71 15.86 -18.90 -24.43
N GLU B 71 15.90 -18.91 -24.44
CA GLU B 71 15.14 -20.15 -24.25
CA GLU B 71 15.14 -20.14 -24.20
C GLU B 71 13.72 -19.89 -23.78
C GLU B 71 13.69 -19.81 -23.83
N ILE B 72 12.75 -20.51 -24.45
CA ILE B 72 11.36 -20.49 -24.01
C ILE B 72 10.97 -21.86 -23.44
N LYS B 73 10.66 -21.89 -22.14
N LYS B 73 10.68 -21.88 -22.14
CA LYS B 73 10.29 -23.14 -21.48
CA LYS B 73 10.26 -23.11 -21.46
C LYS B 73 8.79 -23.15 -21.18
C LYS B 73 8.75 -23.15 -21.34
N PRO B 74 8.19 -24.35 -21.13
CA PRO B 74 6.76 -24.46 -20.90
C PRO B 74 6.29 -23.67 -19.68
N ALA B 75 7.17 -23.55 -18.70
CA ALA B 75 6.83 -22.88 -17.45
C ALA B 75 6.80 -21.36 -17.64
N ASP B 76 7.36 -20.88 -18.75
CA ASP B 76 7.44 -19.44 -19.00
C ASP B 76 6.10 -18.89 -19.47
N LEU B 77 5.28 -19.76 -20.06
CA LEU B 77 4.00 -19.33 -20.62
C LEU B 77 3.09 -18.80 -19.52
N VAL B 78 2.47 -17.66 -19.78
CA VAL B 78 1.52 -17.08 -18.84
C VAL B 78 0.13 -17.06 -19.49
N ASN B 79 -0.56 -15.92 -19.43
CA ASN B 79 -2.00 -15.90 -19.72
C ASN B 79 -2.29 -15.65 -21.20
N TYR B 80 -1.34 -15.03 -21.90
CA TYR B 80 -1.53 -14.69 -23.31
C TYR B 80 -0.18 -14.61 -24.02
N ASN B 81 0.06 -15.57 -24.91
N ASN B 81 0.11 -15.59 -24.86
CA ASN B 81 1.40 -15.85 -25.41
CA ASN B 81 1.44 -15.70 -25.44
C ASN B 81 1.34 -16.44 -26.82
C ASN B 81 1.38 -16.37 -26.81
N PRO B 82 0.70 -15.72 -27.76
CA PRO B 82 0.37 -16.32 -29.06
C PRO B 82 1.61 -16.64 -29.88
N ILE B 83 2.70 -15.91 -29.67
CA ILE B 83 3.93 -16.16 -30.41
C ILE B 83 4.83 -17.14 -29.64
N ALA B 84 5.00 -16.89 -28.34
CA ALA B 84 5.94 -17.67 -27.54
C ALA B 84 5.53 -19.14 -27.48
N GLU B 85 4.23 -19.40 -27.48
CA GLU B 85 3.73 -20.76 -27.31
C GLU B 85 4.13 -21.65 -28.50
N LYS B 86 4.43 -21.02 -29.63
N LYS B 86 4.48 -21.02 -29.62
CA LYS B 86 4.92 -21.74 -30.81
CA LYS B 86 4.90 -21.76 -30.80
C LYS B 86 6.33 -22.26 -30.59
C LYS B 86 6.39 -22.11 -30.72
N HIS B 87 7.07 -21.59 -29.70
CA HIS B 87 8.52 -21.75 -29.61
C HIS B 87 8.94 -22.34 -28.27
N VAL B 88 7.96 -22.89 -27.53
N VAL B 88 7.96 -22.85 -27.52
CA VAL B 88 8.25 -23.57 -26.28
CA VAL B 88 8.25 -23.57 -26.28
C VAL B 88 9.12 -24.80 -26.53
C VAL B 88 9.16 -24.77 -26.54
N ASN B 89 10.04 -25.05 -25.60
CA ASN B 89 11.13 -25.99 -25.83
C ASN B 89 11.90 -25.63 -27.10
N GLY B 90 12.00 -24.34 -27.36
CA GLY B 90 12.91 -23.80 -28.36
C GLY B 90 13.46 -22.46 -27.95
N THR B 91 13.73 -21.60 -28.92
CA THR B 91 14.28 -20.28 -28.65
C THR B 91 13.62 -19.22 -29.51
N MET B 92 13.61 -17.98 -29.01
CA MET B 92 13.39 -16.80 -29.83
C MET B 92 14.52 -15.81 -29.59
N THR B 93 14.84 -15.00 -30.60
CA THR B 93 15.80 -13.92 -30.42
C THR B 93 15.16 -12.74 -29.71
N LEU B 94 15.99 -11.84 -29.19
CA LEU B 94 15.49 -10.67 -28.48
C LEU B 94 14.76 -9.72 -29.43
N ALA B 95 15.16 -9.72 -30.69
CA ALA B 95 14.43 -8.96 -31.72
C ALA B 95 13.03 -9.55 -31.92
N GLU B 96 12.95 -10.88 -31.99
CA GLU B 96 11.67 -11.55 -32.19
C GLU B 96 10.76 -11.37 -30.98
N LEU B 97 11.35 -11.38 -29.79
CA LEU B 97 10.60 -11.18 -28.56
C LEU B 97 10.10 -9.74 -28.46
N SER B 98 10.89 -8.80 -28.96
CA SER B 98 10.50 -7.39 -28.97
C SER B 98 9.31 -7.17 -29.91
N ALA B 99 9.38 -7.77 -31.09
CA ALA B 99 8.28 -7.67 -32.06
C ALA B 99 7.01 -8.34 -31.51
N ALA B 100 7.18 -9.52 -30.90
CA ALA B 100 6.05 -10.25 -30.34
C ALA B 100 5.37 -9.43 -29.24
N ALA B 101 6.18 -8.86 -28.34
CA ALA B 101 5.66 -8.05 -27.25
C ALA B 101 4.90 -6.84 -27.80
N LEU B 102 5.49 -6.14 -28.75
CA LEU B 102 4.93 -4.88 -29.22
C LEU B 102 3.72 -5.11 -30.13
N GLN B 103 3.88 -6.02 -31.10
CA GLN B 103 2.94 -6.10 -32.21
C GLN B 103 1.79 -7.06 -31.93
N TYR B 104 2.01 -7.99 -30.99
CA TYR B 104 1.00 -9.00 -30.66
C TYR B 104 0.62 -8.93 -29.17
N SER B 105 1.30 -8.08 -28.42
CA SER B 105 1.16 -8.03 -26.97
C SER B 105 1.26 -9.41 -26.35
N ASP B 106 2.32 -10.11 -26.72
CA ASP B 106 2.67 -11.39 -26.11
C ASP B 106 3.32 -11.17 -24.74
N ASN B 107 2.70 -11.69 -23.69
CA ASN B 107 3.09 -11.37 -22.32
C ASN B 107 4.36 -12.13 -21.91
N THR B 108 4.51 -13.35 -22.43
CA THR B 108 5.74 -14.11 -22.21
C THR B 108 6.94 -13.41 -22.83
N ALA B 109 6.72 -12.82 -24.00
CA ALA B 109 7.75 -12.03 -24.66
C ALA B 109 8.16 -10.83 -23.80
N MET B 110 7.17 -10.13 -23.27
CA MET B 110 7.44 -9.01 -22.38
C MET B 110 8.28 -9.45 -21.18
N ASN B 111 7.98 -10.62 -20.64
CA ASN B 111 8.68 -11.10 -19.45
C ASN B 111 10.14 -11.45 -19.77
N LYS B 112 10.40 -11.85 -21.01
CA LYS B 112 11.77 -12.09 -21.45
C LYS B 112 12.55 -10.79 -21.61
N LEU B 113 11.87 -9.74 -22.07
CA LEU B 113 12.48 -8.41 -22.13
C LEU B 113 12.83 -7.92 -20.73
N ILE B 114 11.89 -8.08 -19.80
CA ILE B 114 12.09 -7.64 -18.43
C ILE B 114 13.26 -8.38 -17.78
N ALA B 115 13.36 -9.68 -18.04
CA ALA B 115 14.47 -10.47 -17.50
C ALA B 115 15.80 -10.03 -18.08
N GLN B 116 15.82 -9.70 -19.37
CA GLN B 116 17.03 -9.24 -20.04
C GLN B 116 17.53 -7.94 -19.41
N LEU B 117 16.62 -7.20 -18.79
CA LEU B 117 16.95 -5.91 -18.20
C LEU B 117 17.19 -6.04 -16.70
N GLY B 118 17.11 -7.27 -16.19
CA GLY B 118 17.46 -7.56 -14.81
C GLY B 118 16.27 -7.43 -13.87
N GLY B 119 15.07 -7.35 -14.44
CA GLY B 119 13.85 -7.21 -13.65
C GLY B 119 13.13 -5.91 -13.95
N PRO B 120 11.93 -5.73 -13.37
CA PRO B 120 11.12 -4.55 -13.66
C PRO B 120 11.86 -3.25 -13.33
N GLY B 121 12.72 -3.30 -12.32
CA GLY B 121 13.51 -2.14 -11.93
C GLY B 121 14.45 -1.69 -13.04
N GLY B 122 14.87 -2.63 -13.88
CA GLY B 122 15.74 -2.32 -15.02
C GLY B 122 15.03 -1.49 -16.07
N VAL B 123 13.73 -1.73 -16.23
CA VAL B 123 12.92 -0.93 -17.14
C VAL B 123 12.72 0.49 -16.60
N THR B 124 12.51 0.58 -15.30
CA THR B 124 12.37 1.88 -14.64
C THR B 124 13.69 2.65 -14.68
N ALA B 125 14.81 1.95 -14.53
CA ALA B 125 16.12 2.58 -14.61
C ALA B 125 16.33 3.22 -15.99
N PHE B 126 15.91 2.52 -17.04
CA PHE B 126 16.01 3.07 -18.39
C PHE B 126 15.18 4.34 -18.53
N ALA B 127 13.97 4.30 -17.98
CA ALA B 127 13.10 5.48 -17.98
C ALA B 127 13.81 6.67 -17.35
N ARG B 128 14.43 6.45 -16.20
CA ARG B 128 15.14 7.53 -15.50
C ARG B 128 16.32 8.03 -16.34
N ALA B 129 16.95 7.13 -17.07
CA ALA B 129 18.13 7.47 -17.87
C ALA B 129 17.75 8.39 -19.04
N ILE B 130 16.52 8.29 -19.51
CA ILE B 130 16.06 9.12 -20.62
C ILE B 130 15.12 10.22 -20.13
N GLY B 131 15.16 10.49 -18.83
CA GLY B 131 14.63 11.74 -18.29
C GLY B 131 13.17 11.64 -17.87
N ASP B 132 12.66 10.41 -17.82
CA ASP B 132 11.30 10.17 -17.34
C ASP B 132 11.31 9.82 -15.85
N GLU B 133 10.85 10.74 -15.02
N GLU B 133 10.84 10.74 -15.03
CA GLU B 133 10.96 10.60 -13.57
CA GLU B 133 10.96 10.62 -13.58
C GLU B 133 9.67 10.05 -12.97
C GLU B 133 9.64 10.17 -12.98
N THR B 134 8.71 9.73 -13.84
CA THR B 134 7.34 9.46 -13.41
C THR B 134 6.99 7.99 -13.62
N PHE B 135 7.42 7.44 -14.74
CA PHE B 135 7.21 6.02 -15.06
C PHE B 135 7.72 5.14 -13.93
N ARG B 136 6.97 4.07 -13.62
CA ARG B 136 7.50 2.97 -12.82
C ARG B 136 6.91 1.64 -13.26
N LEU B 137 7.80 0.67 -13.49
CA LEU B 137 7.38 -0.73 -13.63
C LEU B 137 7.83 -1.53 -12.42
N ASP B 138 6.90 -2.26 -11.82
CA ASP B 138 7.12 -2.89 -10.53
C ASP B 138 7.05 -4.42 -10.66
N ARG B 139 6.28 -4.89 -11.63
CA ARG B 139 5.93 -6.31 -11.70
C ARG B 139 6.08 -6.85 -13.10
N THR B 140 6.14 -8.18 -13.21
CA THR B 140 6.08 -8.86 -14.49
C THR B 140 4.64 -9.00 -14.97
N ALA B 141 4.46 -9.56 -16.17
CA ALA B 141 3.14 -9.97 -16.63
C ALA B 141 2.80 -11.36 -16.12
N PRO B 142 1.58 -11.54 -15.62
CA PRO B 142 0.45 -10.68 -16.00
C PRO B 142 0.11 -9.63 -14.94
N THR B 143 0.73 -9.73 -13.77
CA THR B 143 0.22 -9.01 -12.60
C THR B 143 0.44 -7.51 -12.71
N LEU B 144 1.24 -7.08 -13.68
CA LEU B 144 1.40 -5.65 -13.94
C LEU B 144 0.13 -5.04 -14.54
N ASN B 145 -0.88 -5.89 -14.75
CA ASN B 145 -2.14 -5.45 -15.35
C ASN B 145 -3.31 -5.48 -14.36
N THR B 146 -3.01 -5.60 -13.06
CA THR B 146 -4.06 -5.72 -12.06
C THR B 146 -4.88 -4.43 -11.95
N ALA B 147 -4.22 -3.30 -12.19
CA ALA B 147 -4.91 -2.02 -12.37
C ALA B 147 -5.85 -1.71 -11.20
N ILE B 148 -5.36 -1.95 -9.98
CA ILE B 148 -6.15 -1.70 -8.78
C ILE B 148 -6.20 -0.20 -8.49
N PRO B 149 -7.42 0.32 -8.26
CA PRO B 149 -7.57 1.75 -7.99
C PRO B 149 -6.75 2.19 -6.77
N GLY B 150 -5.91 3.22 -6.98
CA GLY B 150 -5.13 3.77 -5.88
C GLY B 150 -3.72 3.18 -5.81
N ASP B 151 -3.48 2.14 -6.61
CA ASP B 151 -2.22 1.41 -6.57
C ASP B 151 -1.22 2.06 -7.54
N PRO B 152 -0.11 2.59 -7.01
CA PRO B 152 0.82 3.33 -7.86
C PRO B 152 1.72 2.42 -8.68
N ARG B 153 1.73 1.12 -8.38
CA ARG B 153 2.59 0.20 -9.08
C ARG B 153 2.24 0.16 -10.57
N ASP B 154 3.26 0.14 -11.41
CA ASP B 154 3.07 -0.04 -12.84
C ASP B 154 2.17 1.06 -13.41
N THR B 155 2.41 2.29 -12.98
CA THR B 155 1.66 3.44 -13.48
C THR B 155 2.58 4.46 -14.13
N THR B 156 1.97 5.37 -14.87
CA THR B 156 2.59 6.65 -15.19
C THR B 156 1.49 7.67 -15.43
N THR B 157 1.85 8.89 -15.78
CA THR B 157 0.86 9.91 -16.14
C THR B 157 0.78 10.07 -17.66
N PRO B 158 -0.35 10.56 -18.16
CA PRO B 158 -0.45 10.78 -19.60
C PRO B 158 0.57 11.79 -20.12
N ARG B 159 0.81 12.85 -19.35
CA ARG B 159 1.79 13.85 -19.74
C ARG B 159 3.18 13.21 -19.88
N ALA B 160 3.57 12.42 -18.88
CA ALA B 160 4.90 11.86 -18.86
C ALA B 160 5.11 10.87 -20.00
N MET B 161 4.12 10.02 -20.25
N MET B 161 4.08 10.07 -20.29
CA MET B 161 4.25 9.01 -21.30
CA MET B 161 4.22 9.01 -21.28
C MET B 161 4.31 9.66 -22.68
C MET B 161 4.19 9.57 -22.71
N ALA B 162 3.48 10.68 -22.89
CA ALA B 162 3.47 11.37 -24.17
C ALA B 162 4.84 11.98 -24.45
N GLN B 163 5.43 12.60 -23.43
CA GLN B 163 6.76 13.18 -23.57
C GLN B 163 7.80 12.10 -23.87
N THR B 164 7.70 10.98 -23.16
CA THR B 164 8.67 9.91 -23.31
C THR B 164 8.52 9.21 -24.66
N LEU B 165 7.28 9.04 -25.09
CA LEU B 165 7.03 8.40 -26.38
C LEU B 165 7.53 9.29 -27.52
N ARG B 166 7.43 10.61 -27.35
CA ARG B 166 8.00 11.53 -28.32
C ARG B 166 9.52 11.38 -28.38
N GLN B 167 10.16 11.46 -27.23
N GLN B 167 10.16 11.32 -27.23
CA GLN B 167 11.61 11.27 -27.14
CA GLN B 167 11.62 11.30 -27.17
C GLN B 167 12.04 10.00 -27.86
C GLN B 167 12.17 9.95 -27.66
N LEU B 168 11.34 8.91 -27.57
CA LEU B 168 11.75 7.60 -28.05
C LEU B 168 11.63 7.50 -29.58
N THR B 169 10.52 8.03 -30.12
CA THR B 169 10.15 7.76 -31.50
C THR B 169 10.56 8.90 -32.44
N LEU B 170 10.69 10.11 -31.89
CA LEU B 170 10.91 11.30 -32.70
C LEU B 170 12.17 12.04 -32.27
N GLY B 171 12.59 11.82 -31.04
CA GLY B 171 13.75 12.49 -30.48
C GLY B 171 14.97 11.58 -30.42
N HIS B 172 15.79 11.75 -29.39
CA HIS B 172 17.14 11.20 -29.40
C HIS B 172 17.44 10.48 -28.09
N ALA B 173 16.42 9.87 -27.51
CA ALA B 173 16.60 8.91 -26.43
C ALA B 173 17.34 7.67 -26.92
N LEU B 174 17.08 7.29 -28.17
CA LEU B 174 17.75 6.15 -28.79
C LEU B 174 18.65 6.62 -29.91
N GLY B 175 19.60 5.77 -30.30
CA GLY B 175 20.34 5.97 -31.54
C GLY B 175 19.45 5.86 -32.76
N GLU B 176 20.01 6.22 -33.92
N GLU B 176 19.85 6.47 -33.87
CA GLU B 176 19.25 6.41 -35.13
CA GLU B 176 18.95 6.67 -35.00
C GLU B 176 18.59 5.12 -35.57
C GLU B 176 18.32 5.36 -35.45
N THR B 177 19.40 4.07 -35.67
N THR B 177 19.13 4.32 -35.55
CA THR B 177 18.92 2.77 -36.13
CA THR B 177 18.69 3.05 -36.16
C THR B 177 17.87 2.23 -35.17
C THR B 177 17.87 2.23 -35.17
N GLN B 178 18.07 2.50 -33.88
CA GLN B 178 17.22 1.92 -32.84
C GLN B 178 15.87 2.63 -32.78
N ARG B 179 15.89 3.95 -32.94
N ARG B 179 15.89 3.96 -32.92
CA ARG B 179 14.65 4.73 -33.05
CA ARG B 179 14.67 4.73 -33.05
C ARG B 179 13.82 4.25 -34.24
C ARG B 179 13.84 4.22 -34.23
N ALA B 180 14.49 4.08 -35.38
CA ALA B 180 13.81 3.63 -36.59
C ALA B 180 13.18 2.24 -36.38
N GLN B 181 13.90 1.37 -35.69
CA GLN B 181 13.42 0.02 -35.43
C GLN B 181 12.17 0.05 -34.56
N LEU B 182 12.19 0.88 -33.52
CA LEU B 182 11.05 1.02 -32.62
C LEU B 182 9.82 1.49 -33.39
N VAL B 183 10.03 2.49 -34.26
CA VAL B 183 8.93 3.06 -35.03
C VAL B 183 8.38 2.04 -36.03
N THR B 184 9.27 1.25 -36.62
CA THR B 184 8.87 0.19 -37.53
C THR B 184 7.99 -0.85 -36.82
N TRP B 185 8.39 -1.20 -35.60
CA TRP B 185 7.64 -2.17 -34.82
C TRP B 185 6.25 -1.64 -34.47
N LEU B 186 6.19 -0.39 -34.03
CA LEU B 186 4.93 0.22 -33.63
C LEU B 186 3.96 0.31 -34.82
N LYS B 187 4.50 0.65 -35.98
CA LYS B 187 3.67 0.82 -37.17
C LYS B 187 3.09 -0.52 -37.64
N GLY B 188 3.70 -1.62 -37.18
CA GLY B 188 3.25 -2.95 -37.55
C GLY B 188 2.38 -3.60 -36.50
N ASN B 189 1.91 -2.82 -35.53
CA ASN B 189 1.05 -3.34 -34.48
C ASN B 189 -0.20 -3.99 -35.09
N THR B 190 -0.64 -5.09 -34.50
CA THR B 190 -1.83 -5.79 -34.99
C THR B 190 -3.08 -5.46 -34.19
N THR B 191 -2.92 -4.83 -33.03
CA THR B 191 -3.98 -4.84 -32.01
C THR B 191 -4.76 -3.52 -31.93
N GLY B 192 -4.49 -2.60 -32.86
CA GLY B 192 -4.72 -1.18 -32.60
C GLY B 192 -5.96 -0.58 -33.25
N ALA B 193 -6.54 -1.29 -34.22
CA ALA B 193 -7.44 -0.65 -35.19
C ALA B 193 -8.75 -0.17 -34.55
N ALA B 194 -9.04 -0.65 -33.34
CA ALA B 194 -10.30 -0.32 -32.67
C ALA B 194 -10.13 0.83 -31.69
N SER B 195 -8.89 1.24 -31.46
CA SER B 195 -8.58 2.19 -30.40
C SER B 195 -8.33 3.58 -31.01
N ILE B 196 -7.17 4.17 -30.74
CA ILE B 196 -6.91 5.54 -31.19
C ILE B 196 -7.13 5.66 -32.71
N ARG B 197 -6.65 4.67 -33.46
N ARG B 197 -6.72 4.62 -33.44
CA ARG B 197 -6.76 4.67 -34.92
CA ARG B 197 -6.75 4.66 -34.91
C ARG B 197 -8.21 4.89 -35.35
C ARG B 197 -8.18 4.76 -35.42
N ALA B 198 -9.13 4.23 -34.66
CA ALA B 198 -10.53 4.19 -35.08
C ALA B 198 -11.14 5.60 -35.08
N GLY B 199 -10.50 6.52 -34.39
CA GLY B 199 -11.04 7.88 -34.26
C GLY B 199 -10.37 8.87 -35.19
N LEU B 200 -9.41 8.39 -35.97
CA LEU B 200 -8.64 9.25 -36.86
C LEU B 200 -9.03 9.03 -38.32
N PRO B 201 -8.75 10.01 -39.18
CA PRO B 201 -8.91 9.82 -40.61
C PRO B 201 -8.08 8.65 -41.13
N THR B 202 -8.63 7.91 -42.09
CA THR B 202 -8.02 6.65 -42.52
C THR B 202 -6.66 6.91 -43.15
N SER B 203 -6.47 8.11 -43.69
CA SER B 203 -5.28 8.42 -44.47
C SER B 203 -4.07 8.63 -43.57
N TRP B 204 -4.32 8.87 -42.28
CA TRP B 204 -3.26 9.15 -41.33
C TRP B 204 -2.51 7.87 -40.97
N THR B 205 -1.19 7.98 -40.82
CA THR B 205 -0.37 6.83 -40.45
C THR B 205 -0.18 6.78 -38.93
N VAL B 206 -0.36 5.60 -38.36
CA VAL B 206 -0.29 5.42 -36.91
C VAL B 206 0.63 4.27 -36.56
N GLY B 207 1.49 4.48 -35.57
CA GLY B 207 2.06 3.39 -34.80
C GLY B 207 1.71 3.49 -33.34
N ASP B 208 1.24 2.39 -32.76
CA ASP B 208 0.64 2.43 -31.44
C ASP B 208 0.90 1.16 -30.66
N LYS B 209 0.72 1.25 -29.34
CA LYS B 209 0.68 0.08 -28.48
C LYS B 209 -0.53 0.16 -27.56
N THR B 210 -1.31 -0.91 -27.54
CA THR B 210 -2.51 -0.98 -26.70
C THR B 210 -2.19 -1.56 -25.33
N GLY B 211 -3.16 -1.48 -24.43
CA GLY B 211 -3.11 -2.25 -23.19
C GLY B 211 -4.48 -2.52 -22.64
N SER B 212 -4.57 -3.57 -21.83
CA SER B 212 -5.82 -3.94 -21.19
C SER B 212 -5.53 -4.56 -19.82
N GLY B 213 -6.48 -4.44 -18.91
CA GLY B 213 -6.32 -5.03 -17.58
C GLY B 213 -7.64 -5.11 -16.84
N ASP B 214 -7.48 -5.51 -15.56
CA ASP B 214 -8.68 -5.51 -14.73
C ASP B 214 -9.25 -4.10 -14.59
N TYR B 215 -10.40 -3.98 -13.95
CA TYR B 215 -11.11 -2.71 -13.85
C TYR B 215 -11.33 -2.10 -15.24
N GLY B 216 -11.59 -2.96 -16.21
CA GLY B 216 -11.99 -2.52 -17.54
C GLY B 216 -10.96 -1.59 -18.16
N THR B 217 -9.71 -1.74 -17.74
CA THR B 217 -8.67 -0.81 -18.15
C THR B 217 -8.35 -0.99 -19.63
N THR B 218 -8.42 0.12 -20.36
CA THR B 218 -8.31 0.10 -21.81
C THR B 218 -7.45 1.27 -22.26
N ASN B 219 -6.26 0.96 -22.79
CA ASN B 219 -5.23 1.97 -23.03
C ASN B 219 -4.78 1.95 -24.49
N ASP B 220 -4.19 3.05 -24.92
CA ASP B 220 -3.48 3.10 -26.20
C ASP B 220 -2.53 4.30 -26.20
N ILE B 221 -1.30 4.08 -26.66
CA ILE B 221 -0.37 5.19 -26.88
C ILE B 221 0.21 5.14 -28.29
N ALA B 222 0.18 6.29 -28.95
CA ALA B 222 0.36 6.33 -30.40
C ALA B 222 1.28 7.47 -30.82
N VAL B 223 2.03 7.23 -31.89
N VAL B 223 2.09 7.23 -31.84
CA VAL B 223 2.61 8.31 -32.68
CA VAL B 223 2.60 8.30 -32.68
C VAL B 223 1.97 8.36 -34.06
C VAL B 223 1.86 8.35 -34.00
N ILE B 224 1.55 9.56 -34.44
CA ILE B 224 0.60 9.75 -35.54
C ILE B 224 1.20 10.69 -36.57
N TRP B 225 1.13 10.31 -37.84
CA TRP B 225 1.56 11.17 -38.92
C TRP B 225 0.36 11.57 -39.77
N PRO B 226 -0.25 12.72 -39.43
CA PRO B 226 -1.38 13.22 -40.21
C PRO B 226 -0.97 13.63 -41.62
N GLN B 227 -1.93 13.50 -42.55
CA GLN B 227 -1.37 13.68 -43.89
C GLN B 227 -1.07 15.15 -44.16
N GLY B 228 0.19 15.42 -44.48
CA GLY B 228 0.63 16.78 -44.82
C GLY B 228 1.14 17.55 -43.62
N ARG B 229 1.24 16.90 -42.47
N ARG B 229 1.27 16.85 -42.49
CA ARG B 229 1.49 17.60 -41.21
CA ARG B 229 1.48 17.50 -41.20
C ARG B 229 2.53 16.89 -40.35
C ARG B 229 2.73 16.94 -40.52
N ALA B 230 3.22 17.66 -39.52
CA ALA B 230 4.17 17.11 -38.56
C ALA B 230 3.47 16.15 -37.60
N PRO B 231 4.23 15.22 -37.00
CA PRO B 231 3.59 14.13 -36.26
C PRO B 231 2.99 14.58 -34.94
N LEU B 232 1.98 13.83 -34.49
CA LEU B 232 1.45 13.98 -33.14
C LEU B 232 1.92 12.83 -32.27
N VAL B 233 1.89 13.05 -30.96
CA VAL B 233 1.94 11.95 -30.00
C VAL B 233 0.72 12.01 -29.09
N LEU B 234 0.00 10.89 -29.01
CA LEU B 234 -1.26 10.85 -28.28
C LEU B 234 -1.31 9.66 -27.33
N VAL B 235 -1.54 9.96 -26.06
N VAL B 235 -1.61 9.94 -26.07
CA VAL B 235 -1.79 8.94 -25.04
CA VAL B 235 -1.78 8.87 -25.09
C VAL B 235 -3.26 8.99 -24.62
C VAL B 235 -3.16 8.92 -24.45
N THR B 236 -3.91 7.83 -24.60
CA THR B 236 -5.26 7.73 -24.05
C THR B 236 -5.35 6.55 -23.09
N TYR B 237 -5.63 6.93 -21.85
N TYR B 237 -5.46 6.86 -21.80
CA TYR B 237 -5.76 5.97 -20.77
CA TYR B 237 -5.70 5.84 -20.80
C TYR B 237 -7.19 5.92 -20.24
C TYR B 237 -7.14 5.88 -20.30
N PHE B 238 -7.67 4.71 -19.95
CA PHE B 238 -9.04 4.63 -19.44
C PHE B 238 -9.18 3.45 -18.47
N THR B 239 -9.84 3.71 -17.34
CA THR B 239 -10.05 2.69 -16.34
C THR B 239 -11.33 2.95 -15.54
N GLN B 240 -11.89 1.90 -14.97
CA GLN B 240 -13.30 1.90 -14.56
C GLN B 240 -13.44 1.40 -13.12
N PRO B 241 -14.60 1.62 -12.51
CA PRO B 241 -14.73 1.41 -11.06
C PRO B 241 -14.82 -0.06 -10.69
N GLN B 242 -15.40 -0.86 -11.58
N GLN B 242 -15.36 -0.88 -11.59
CA GLN B 242 -15.69 -2.26 -11.30
CA GLN B 242 -15.69 -2.26 -11.27
C GLN B 242 -14.56 -3.15 -11.80
C GLN B 242 -14.65 -3.22 -11.83
N GLN B 243 -14.16 -4.12 -10.99
CA GLN B 243 -13.03 -4.97 -11.34
C GLN B 243 -13.28 -5.71 -12.65
N ASN B 244 -14.53 -6.13 -12.88
N ASN B 244 -14.52 -6.17 -12.84
CA ASN B 244 -14.85 -7.03 -13.97
CA ASN B 244 -14.84 -7.03 -13.97
C ASN B 244 -15.42 -6.27 -15.17
C ASN B 244 -15.53 -6.25 -15.09
N ALA B 245 -15.24 -4.95 -15.16
CA ALA B 245 -15.80 -4.10 -16.21
C ALA B 245 -15.29 -4.55 -17.58
N GLU B 246 -16.12 -4.32 -18.60
N GLU B 246 -16.10 -4.33 -18.61
CA GLU B 246 -15.75 -4.61 -19.98
CA GLU B 246 -15.72 -4.69 -19.98
C GLU B 246 -14.64 -3.66 -20.46
C GLU B 246 -14.80 -3.63 -20.58
N SER B 247 -13.97 -4.06 -21.53
CA SER B 247 -13.11 -3.13 -22.26
C SER B 247 -13.94 -2.09 -23.01
N ARG B 248 -13.37 -0.90 -23.18
CA ARG B 248 -14.04 0.18 -23.89
C ARG B 248 -13.09 0.86 -24.86
N ARG B 249 -12.70 0.15 -25.90
CA ARG B 249 -11.79 0.69 -26.90
C ARG B 249 -12.48 1.82 -27.68
N ASP B 250 -13.80 1.82 -27.66
CA ASP B 250 -14.57 2.88 -28.32
C ASP B 250 -14.36 4.23 -27.64
N VAL B 251 -14.12 4.21 -26.34
CA VAL B 251 -13.88 5.44 -25.59
C VAL B 251 -12.55 6.09 -26.02
N LEU B 252 -11.55 5.25 -26.27
CA LEU B 252 -10.26 5.74 -26.77
C LEU B 252 -10.42 6.32 -28.17
N ALA B 253 -11.20 5.64 -29.00
CA ALA B 253 -11.49 6.11 -30.34
C ALA B 253 -12.22 7.45 -30.29
N SER B 254 -13.17 7.57 -29.37
CA SER B 254 -13.95 8.80 -29.24
C SER B 254 -13.07 9.96 -28.79
N ALA B 255 -12.11 9.67 -27.90
CA ALA B 255 -11.18 10.69 -27.43
C ALA B 255 -10.26 11.15 -28.56
N ALA B 256 -9.80 10.21 -29.38
CA ALA B 256 -8.96 10.53 -30.52
C ALA B 256 -9.74 11.39 -31.53
N ARG B 257 -11.01 11.06 -31.71
CA ARG B 257 -11.87 11.78 -32.65
C ARG B 257 -12.04 13.23 -32.21
N ILE B 258 -12.22 13.43 -30.91
CA ILE B 258 -12.34 14.77 -30.35
C ILE B 258 -11.06 15.57 -30.55
N ILE B 259 -9.93 14.90 -30.33
CA ILE B 259 -8.62 15.54 -30.48
C ILE B 259 -8.37 15.93 -31.94
N ALA B 260 -8.70 15.02 -32.86
CA ALA B 260 -8.46 15.24 -34.27
C ALA B 260 -9.27 16.44 -34.77
N GLU B 261 -10.55 16.46 -34.43
CA GLU B 261 -11.46 17.48 -34.94
C GLU B 261 -11.16 18.84 -34.32
N GLY B 262 -10.25 18.84 -33.35
CA GLY B 262 -9.88 20.07 -32.65
C GLY B 262 -8.54 20.60 -33.09
N LEU B 263 -7.84 19.84 -33.93
CA LEU B 263 -6.53 20.23 -34.41
C LEU B 263 -6.64 21.47 -35.30
#